data_3MQL
#
_entry.id   3MQL
#
_cell.length_a   103.947
_cell.length_b   103.947
_cell.length_c   102.143
_cell.angle_alpha   90.00
_cell.angle_beta   90.00
_cell.angle_gamma   90.00
#
_symmetry.space_group_name_H-M   'I 41 2 2'
#
loop_
_entity.id
_entity.type
_entity.pdbx_description
1 polymer 'Fibronectin 1'
2 non-polymer 2-acetamido-2-deoxy-beta-D-glucopyranose
3 non-polymer (4S)-2-METHYL-2,4-PENTANEDIOL
4 non-polymer (4R)-2-METHYLPENTANE-2,4-DIOL
5 water water
#
_entity_poly.entity_id   1
_entity_poly.type   'polypeptide(L)'
_entity_poly.pdbx_seq_one_letter_code
;YGDCVTDSGVVYSVGMQWLKTQGNKQMLCTCLGNGVSCQETAVTQTYGGNSNGEPCVLPFTYNGRTFYSCTTEGRQDGHL
WCSTTSNYEQDQKYSFCTDHTVLVQTRGGNSNGALCHFPFLYNNHNYTDCTSEGRRDNMKWCGTTQNYDADQKFGFCPMA
AHEEICTTNEGVMYRIGDQWDKQHDMGHMMRCTCVGNGRGEWTCIAYSQLRGTKHHHHHH
;
_entity_poly.pdbx_strand_id   A
#
# COMPACT_ATOMS: atom_id res chain seq x y z
N TYR A 1 22.10 2.53 20.38
CA TYR A 1 20.85 1.83 20.63
C TYR A 1 19.67 2.77 20.56
N GLY A 2 18.78 2.51 19.61
CA GLY A 2 17.59 3.31 19.43
C GLY A 2 17.04 3.12 18.03
N ASP A 3 16.10 3.99 17.65
CA ASP A 3 15.47 3.92 16.33
C ASP A 3 16.49 4.10 15.21
N CYS A 4 16.18 3.54 14.05
CA CYS A 4 17.08 3.58 12.91
C CYS A 4 16.93 4.89 12.14
N VAL A 5 18.00 5.32 11.50
CA VAL A 5 17.95 6.45 10.59
C VAL A 5 18.64 6.12 9.27
N THR A 6 17.85 6.02 8.20
CA THR A 6 18.38 5.68 6.90
C THR A 6 19.41 6.69 6.42
N ASP A 7 20.13 6.34 5.36
CA ASP A 7 21.09 7.26 4.76
C ASP A 7 20.38 8.53 4.30
N SER A 8 19.17 8.35 3.76
CA SER A 8 18.37 9.47 3.29
C SER A 8 17.87 10.35 4.43
N GLY A 9 18.06 9.92 5.66
CA GLY A 9 17.64 10.70 6.81
C GLY A 9 16.27 10.33 7.33
N VAL A 10 15.59 9.42 6.64
CA VAL A 10 14.31 8.88 7.09
C VAL A 10 14.48 8.15 8.42
N VAL A 11 13.41 8.09 9.21
CA VAL A 11 13.51 7.54 10.56
C VAL A 11 12.50 6.43 10.83
N TYR A 12 13.01 5.27 11.23
CA TYR A 12 12.16 4.13 11.56
C TYR A 12 12.31 3.70 13.02
N SER A 13 11.19 3.40 13.67
CA SER A 13 11.23 2.89 15.03
C SER A 13 11.82 1.49 15.05
N VAL A 14 12.27 1.07 16.23
CA VAL A 14 12.75 -0.29 16.43
C VAL A 14 11.66 -1.30 16.10
N GLY A 15 11.98 -2.29 15.27
CA GLY A 15 11.04 -3.36 14.98
C GLY A 15 10.21 -3.09 13.76
N MET A 16 10.35 -1.90 13.18
CA MET A 16 9.66 -1.57 11.94
C MET A 16 10.37 -2.21 10.76
N GLN A 17 9.65 -2.35 9.66
CA GLN A 17 10.23 -2.89 8.45
C GLN A 17 9.83 -2.03 7.27
N TRP A 18 10.74 -1.91 6.30
CA TRP A 18 10.45 -1.17 5.09
C TRP A 18 11.17 -1.84 3.94
N LEU A 19 10.91 -1.34 2.74
CA LEU A 19 11.48 -1.93 1.54
C LEU A 19 12.52 -0.99 0.94
N LYS A 20 13.68 -1.54 0.62
CA LYS A 20 14.73 -0.78 -0.02
C LYS A 20 15.08 -1.52 -1.30
N THR A 21 15.55 -0.78 -2.31
CA THR A 21 15.94 -1.41 -3.57
C THR A 21 17.44 -1.33 -3.83
N GLN A 22 18.10 -2.48 -3.76
CA GLN A 22 19.53 -2.55 -4.07
C GLN A 22 19.71 -3.19 -5.44
N GLY A 23 20.15 -2.40 -6.41
CA GLY A 23 20.29 -2.89 -7.77
C GLY A 23 18.97 -3.40 -8.33
N ASN A 24 18.99 -4.63 -8.83
CA ASN A 24 17.79 -5.23 -9.41
C ASN A 24 16.99 -6.03 -8.40
N LYS A 25 17.35 -5.91 -7.13
CA LYS A 25 16.75 -6.74 -6.09
C LYS A 25 15.97 -5.92 -5.07
N GLN A 26 14.90 -6.50 -4.54
CA GLN A 26 14.12 -5.84 -3.50
C GLN A 26 14.49 -6.39 -2.13
N MET A 27 14.79 -5.48 -1.21
CA MET A 27 15.25 -5.86 0.12
C MET A 27 14.19 -5.57 1.16
N LEU A 28 14.16 -6.40 2.20
CA LEU A 28 13.30 -6.14 3.34
C LEU A 28 14.15 -5.70 4.54
N CYS A 29 14.04 -4.44 4.91
CA CYS A 29 14.89 -3.88 5.95
C CYS A 29 14.19 -3.80 7.30
N THR A 30 14.88 -4.26 8.33
CA THR A 30 14.35 -4.27 9.69
C THR A 30 15.20 -3.40 10.58
N CYS A 31 14.57 -2.67 11.49
CA CYS A 31 15.30 -1.90 12.48
C CYS A 31 15.62 -2.77 13.70
N LEU A 32 16.90 -3.03 13.91
CA LEU A 32 17.31 -3.91 15.01
C LEU A 32 17.41 -3.13 16.32
N GLY A 33 17.53 -1.81 16.22
CA GLY A 33 17.72 -0.97 17.40
C GLY A 33 19.19 -0.98 17.75
N ASN A 34 19.91 -1.88 17.10
CA ASN A 34 21.35 -2.01 17.26
C ASN A 34 21.98 -1.65 15.92
N GLY A 35 21.13 -1.52 14.91
CA GLY A 35 21.55 -1.29 13.55
C GLY A 35 20.44 -1.71 12.61
N VAL A 36 20.80 -2.13 11.41
CA VAL A 36 19.81 -2.55 10.42
C VAL A 36 20.19 -3.86 9.78
N SER A 37 19.20 -4.54 9.20
CA SER A 37 19.44 -5.78 8.47
C SER A 37 18.46 -5.91 7.31
N CYS A 38 19.00 -6.05 6.11
CA CYS A 38 18.19 -6.15 4.91
C CYS A 38 18.36 -7.50 4.24
N GLN A 39 17.25 -8.10 3.84
CA GLN A 39 17.24 -9.40 3.18
C GLN A 39 16.38 -9.39 1.93
N GLU A 40 16.86 -10.03 0.87
CA GLU A 40 16.12 -10.12 -0.38
C GLU A 40 14.71 -10.60 -0.12
N THR A 41 13.74 -10.02 -0.82
CA THR A 41 12.35 -10.44 -0.69
C THR A 41 12.03 -11.53 -1.69
N ALA A 42 11.19 -12.47 -1.26
CA ALA A 42 10.74 -13.56 -2.11
C ALA A 42 9.63 -13.09 -3.05
N VAL A 43 9.66 -13.58 -4.28
CA VAL A 43 8.58 -13.31 -5.22
C VAL A 43 7.59 -14.47 -5.17
N THR A 44 6.34 -14.15 -4.85
CA THR A 44 5.32 -15.18 -4.77
C THR A 44 5.16 -15.88 -6.12
N GLN A 45 5.35 -17.20 -6.12
CA GLN A 45 5.21 -17.96 -7.34
C GLN A 45 3.75 -18.05 -7.74
N THR A 46 3.48 -17.85 -9.01
CA THR A 46 2.13 -18.05 -9.52
C THR A 46 2.14 -19.21 -10.50
N TYR A 47 1.04 -19.96 -10.52
CA TYR A 47 0.93 -21.11 -11.40
C TYR A 47 -0.53 -21.34 -11.75
N GLY A 48 -0.77 -21.97 -12.90
CA GLY A 48 -2.11 -22.31 -13.32
C GLY A 48 -3.05 -21.13 -13.47
N GLY A 49 -4.31 -21.34 -13.12
CA GLY A 49 -5.32 -20.30 -13.26
C GLY A 49 -5.67 -20.04 -14.72
N ASN A 50 -6.57 -19.10 -14.96
CA ASN A 50 -6.91 -18.73 -16.33
C ASN A 50 -5.88 -17.77 -16.93
N SER A 51 -4.89 -17.39 -16.12
CA SER A 51 -3.79 -16.55 -16.60
C SER A 51 -2.63 -17.44 -17.02
N ASN A 52 -2.59 -18.64 -16.46
CA ASN A 52 -1.49 -19.56 -16.69
C ASN A 52 -0.17 -18.99 -16.22
N GLY A 53 -0.11 -18.62 -14.94
CA GLY A 53 1.14 -18.25 -14.30
C GLY A 53 1.47 -16.78 -14.29
N GLU A 54 0.55 -15.94 -14.78
CA GLU A 54 0.77 -14.49 -14.77
C GLU A 54 0.95 -13.98 -13.34
N PRO A 55 1.96 -13.12 -13.14
CA PRO A 55 2.31 -12.62 -11.80
C PRO A 55 1.18 -11.84 -11.17
N CYS A 56 1.15 -11.83 -9.84
CA CYS A 56 0.09 -11.14 -9.10
C CYS A 56 0.07 -9.65 -9.39
N VAL A 57 -1.09 -9.04 -9.18
CA VAL A 57 -1.18 -7.59 -9.21
C VAL A 57 -1.76 -7.14 -7.88
N LEU A 58 -0.88 -6.62 -7.03
CA LEU A 58 -1.25 -6.23 -5.68
C LEU A 58 -1.11 -4.72 -5.48
N PRO A 59 -2.08 -4.11 -4.79
CA PRO A 59 -3.28 -4.80 -4.32
C PRO A 59 -4.27 -4.95 -5.47
N PHE A 60 -5.31 -5.73 -5.23
CA PHE A 60 -6.37 -5.87 -6.22
C PHE A 60 -7.70 -5.94 -5.48
N THR A 61 -8.79 -5.69 -6.19
CA THR A 61 -10.10 -5.76 -5.58
C THR A 61 -10.91 -6.93 -6.09
N TYR A 62 -11.53 -7.64 -5.15
CA TYR A 62 -12.47 -8.70 -5.48
C TYR A 62 -13.60 -8.64 -4.46
N ASN A 63 -14.82 -8.85 -4.92
CA ASN A 63 -15.98 -8.85 -4.03
C ASN A 63 -16.07 -7.56 -3.23
N GLY A 64 -15.71 -6.45 -3.85
CA GLY A 64 -15.81 -5.14 -3.23
C GLY A 64 -14.86 -4.96 -2.05
N ARG A 65 -13.79 -5.74 -2.04
CA ARG A 65 -12.77 -5.62 -1.01
C ARG A 65 -11.39 -5.55 -1.65
N THR A 66 -10.42 -5.07 -0.89
CA THR A 66 -9.06 -4.93 -1.41
C THR A 66 -8.10 -5.95 -0.78
N PHE A 67 -7.40 -6.69 -1.63
CA PHE A 67 -6.48 -7.72 -1.16
C PHE A 67 -5.03 -7.36 -1.43
N TYR A 68 -4.20 -7.50 -0.40
CA TYR A 68 -2.82 -7.07 -0.45
C TYR A 68 -1.87 -8.25 -0.67
N SER A 69 -2.44 -9.44 -0.82
CA SER A 69 -1.65 -10.64 -1.11
C SER A 69 -2.61 -11.73 -1.55
N CYS A 70 -2.10 -12.92 -1.84
CA CYS A 70 -2.97 -14.01 -2.27
C CYS A 70 -4.00 -14.34 -1.20
N THR A 71 -5.12 -14.92 -1.62
CA THR A 71 -6.15 -15.30 -0.67
C THR A 71 -6.73 -16.67 -0.94
N THR A 72 -7.42 -17.19 0.06
CA THR A 72 -8.17 -18.42 -0.06
C THR A 72 -9.64 -18.03 -0.09
N GLU A 73 -9.87 -16.72 -0.05
CA GLU A 73 -11.22 -16.17 -0.05
C GLU A 73 -11.99 -16.64 -1.27
N GLY A 74 -13.15 -17.23 -1.04
CA GLY A 74 -13.99 -17.70 -2.13
C GLY A 74 -13.63 -19.09 -2.59
N ARG A 75 -12.50 -19.61 -2.13
CA ARG A 75 -12.09 -20.97 -2.46
C ARG A 75 -12.59 -21.95 -1.43
N GLN A 76 -13.17 -23.05 -1.90
CA GLN A 76 -13.65 -24.10 -1.01
C GLN A 76 -12.49 -25.02 -0.61
N ASP A 77 -11.52 -25.18 -1.50
CA ASP A 77 -10.40 -26.07 -1.25
C ASP A 77 -9.18 -25.37 -0.65
N GLY A 78 -9.37 -24.09 -0.33
CA GLY A 78 -8.36 -23.34 0.40
C GLY A 78 -7.09 -23.04 -0.37
N HIS A 79 -7.18 -23.06 -1.69
CA HIS A 79 -6.06 -22.65 -2.52
C HIS A 79 -5.82 -21.15 -2.35
N LEU A 80 -4.57 -20.73 -2.52
CA LEU A 80 -4.25 -19.31 -2.55
C LEU A 80 -4.30 -18.82 -3.97
N TRP A 81 -4.87 -17.63 -4.17
CA TRP A 81 -4.94 -17.04 -5.51
C TRP A 81 -4.86 -15.53 -5.45
N CYS A 82 -4.69 -14.93 -6.62
CA CYS A 82 -4.56 -13.48 -6.76
C CYS A 82 -5.00 -13.09 -8.16
N SER A 83 -5.77 -12.02 -8.29
CA SER A 83 -6.12 -11.55 -9.63
C SER A 83 -4.86 -11.00 -10.28
N THR A 84 -4.86 -10.95 -11.61
CA THR A 84 -3.69 -10.50 -12.34
C THR A 84 -3.91 -9.10 -12.87
N THR A 85 -4.98 -8.47 -12.40
CA THR A 85 -5.25 -7.06 -12.65
C THR A 85 -5.69 -6.44 -11.33
N SER A 86 -5.66 -5.11 -11.22
CA SER A 86 -6.06 -4.48 -9.98
C SER A 86 -7.54 -4.68 -9.74
N ASN A 87 -8.28 -4.84 -10.83
CA ASN A 87 -9.74 -5.02 -10.76
C ASN A 87 -10.16 -6.37 -11.33
N TYR A 88 -10.54 -7.28 -10.45
CA TYR A 88 -10.85 -8.66 -10.84
C TYR A 88 -12.27 -8.81 -11.34
N GLU A 89 -13.04 -7.74 -11.30
CA GLU A 89 -14.41 -7.80 -11.78
C GLU A 89 -14.47 -7.34 -13.22
N GLN A 90 -14.07 -6.09 -13.45
CA GLN A 90 -13.93 -5.57 -14.81
C GLN A 90 -13.24 -6.60 -15.67
N ASP A 91 -11.96 -6.81 -15.43
CA ASP A 91 -11.24 -7.93 -15.99
C ASP A 91 -11.62 -9.08 -15.07
N GLN A 92 -11.24 -10.30 -15.41
CA GLN A 92 -11.56 -11.41 -14.52
C GLN A 92 -10.56 -12.55 -14.63
N LYS A 93 -9.28 -12.19 -14.63
CA LYS A 93 -8.21 -13.18 -14.70
C LYS A 93 -7.45 -13.31 -13.38
N TYR A 94 -6.96 -14.51 -13.12
CA TYR A 94 -6.33 -14.82 -11.84
C TYR A 94 -5.28 -15.91 -12.07
N SER A 95 -4.57 -16.26 -11.00
CA SER A 95 -3.71 -17.44 -11.00
C SER A 95 -3.46 -17.93 -9.57
N PHE A 96 -2.89 -19.12 -9.44
CA PHE A 96 -2.66 -19.68 -8.10
C PHE A 96 -1.31 -19.28 -7.51
N CYS A 97 -1.26 -19.22 -6.19
CA CYS A 97 -0.05 -18.84 -5.46
C CYS A 97 0.49 -20.04 -4.70
N THR A 98 1.81 -20.15 -4.65
CA THR A 98 2.46 -21.23 -3.92
C THR A 98 2.59 -20.86 -2.45
N ASP A 99 2.97 -19.61 -2.20
CA ASP A 99 3.18 -19.13 -0.85
C ASP A 99 2.28 -17.95 -0.50
N HIS A 100 2.23 -17.60 0.78
CA HIS A 100 1.36 -16.54 1.25
C HIS A 100 2.13 -15.36 1.83
N THR A 101 3.32 -15.09 1.28
CA THR A 101 4.10 -13.94 1.74
C THR A 101 3.27 -12.66 1.65
N VAL A 102 3.34 -11.85 2.70
CA VAL A 102 2.53 -10.65 2.81
C VAL A 102 3.34 -9.41 3.15
N LEU A 103 3.46 -8.50 2.18
CA LEU A 103 4.22 -7.28 2.39
C LEU A 103 3.37 -6.07 1.99
N VAL A 104 2.88 -5.34 2.99
CA VAL A 104 1.96 -4.24 2.71
C VAL A 104 2.61 -2.89 3.01
N GLN A 105 3.01 -2.19 1.95
CA GLN A 105 3.68 -0.91 2.13
C GLN A 105 2.69 0.23 2.34
N THR A 106 2.82 0.92 3.48
CA THR A 106 1.90 2.00 3.82
C THR A 106 2.31 3.32 3.18
N ARG A 107 1.38 4.27 3.19
CA ARG A 107 1.64 5.61 2.71
C ARG A 107 1.01 6.59 3.68
N GLY A 108 1.61 7.76 3.84
CA GLY A 108 1.12 8.74 4.79
C GLY A 108 1.25 8.21 6.20
N GLY A 109 0.45 8.75 7.11
CA GLY A 109 0.56 8.39 8.50
C GLY A 109 1.90 8.81 9.07
N ASN A 110 2.28 8.24 10.21
CA ASN A 110 3.47 8.65 10.93
C ASN A 110 4.56 7.58 10.90
N SER A 111 4.53 6.71 9.88
CA SER A 111 5.46 5.58 9.84
C SER A 111 6.38 5.57 8.63
N ASN A 112 6.47 6.70 7.94
CA ASN A 112 7.40 6.85 6.82
C ASN A 112 7.39 5.70 5.82
N GLY A 113 6.21 5.14 5.56
CA GLY A 113 6.06 4.11 4.55
C GLY A 113 6.53 2.74 4.97
N ALA A 114 6.57 2.50 6.28
CA ALA A 114 6.91 1.19 6.79
C ALA A 114 5.90 0.18 6.28
N LEU A 115 6.19 -1.09 6.43
CA LEU A 115 5.23 -2.13 6.10
C LEU A 115 4.21 -2.27 7.21
N CYS A 116 3.03 -2.74 6.85
CA CYS A 116 2.05 -3.14 7.85
C CYS A 116 2.67 -4.24 8.68
N HIS A 117 2.57 -4.12 9.99
CA HIS A 117 2.98 -5.22 10.85
C HIS A 117 1.79 -6.07 11.25
N PHE A 118 1.80 -7.33 10.83
CA PHE A 118 0.72 -8.24 11.20
C PHE A 118 1.20 -9.34 12.14
N PRO A 119 0.48 -9.55 13.24
CA PRO A 119 -0.70 -8.74 13.59
C PRO A 119 -0.31 -7.51 14.41
N PHE A 120 -1.12 -6.46 14.32
CA PHE A 120 -0.96 -5.30 15.19
C PHE A 120 -2.12 -5.22 16.18
N LEU A 121 -1.85 -4.64 17.34
CA LEU A 121 -2.85 -4.60 18.40
C LEU A 121 -3.49 -3.23 18.57
N TYR A 122 -4.79 -3.18 18.35
CA TYR A 122 -5.55 -1.94 18.52
C TYR A 122 -6.78 -2.22 19.38
N ASN A 123 -7.08 -1.28 20.27
CA ASN A 123 -8.18 -1.46 21.21
C ASN A 123 -8.21 -2.88 21.78
N ASN A 124 -7.02 -3.39 22.06
CA ASN A 124 -6.88 -4.70 22.67
C ASN A 124 -7.38 -5.83 21.77
N HIS A 125 -7.19 -5.65 20.46
CA HIS A 125 -7.54 -6.71 19.52
C HIS A 125 -6.48 -6.81 18.45
N ASN A 126 -6.17 -8.04 18.03
CA ASN A 126 -5.14 -8.29 17.04
C ASN A 126 -5.68 -8.37 15.63
N TYR A 127 -5.23 -7.46 14.77
CA TYR A 127 -5.70 -7.41 13.39
C TYR A 127 -4.69 -8.04 12.46
N THR A 128 -5.16 -8.95 11.62
CA THR A 128 -4.32 -9.64 10.66
C THR A 128 -4.49 -9.04 9.27
N ASP A 129 -5.19 -7.92 9.20
CA ASP A 129 -5.42 -7.23 7.94
C ASP A 129 -5.69 -5.76 8.21
N CYS A 130 -5.45 -4.91 7.22
CA CYS A 130 -5.74 -3.49 7.35
C CYS A 130 -7.18 -3.32 7.77
N THR A 131 -7.50 -2.15 8.32
CA THR A 131 -8.85 -1.90 8.81
C THR A 131 -9.24 -0.44 8.67
N SER A 132 -10.50 -0.16 8.92
CA SER A 132 -11.01 1.20 8.92
C SER A 132 -11.47 1.57 10.32
N GLU A 133 -11.47 0.58 11.22
CA GLU A 133 -11.88 0.80 12.60
C GLU A 133 -11.39 2.14 13.10
N GLY A 134 -12.25 2.83 13.85
CA GLY A 134 -11.88 4.12 14.43
C GLY A 134 -11.87 5.25 13.41
N ARG A 135 -12.07 4.91 12.14
CA ARG A 135 -12.06 5.90 11.08
C ARG A 135 -13.45 6.15 10.50
N ARG A 136 -13.95 7.35 10.69
CA ARG A 136 -15.18 7.77 10.05
C ARG A 136 -14.96 7.74 8.54
N ASP A 137 -13.73 8.00 8.15
CA ASP A 137 -13.33 8.10 6.75
C ASP A 137 -13.56 6.82 5.94
N ASN A 138 -13.26 5.68 6.55
CA ASN A 138 -13.32 4.38 5.87
C ASN A 138 -12.08 4.08 5.01
N MET A 139 -11.00 4.80 5.26
CA MET A 139 -9.71 4.49 4.66
C MET A 139 -9.09 3.31 5.41
N LYS A 140 -8.37 2.45 4.70
CA LYS A 140 -7.73 1.32 5.35
C LYS A 140 -6.36 1.68 5.91
N TRP A 141 -6.12 1.31 7.15
CA TRP A 141 -4.85 1.60 7.79
C TRP A 141 -4.38 0.40 8.58
N CYS A 142 -3.07 0.31 8.78
CA CYS A 142 -2.48 -0.77 9.54
C CYS A 142 -1.52 -0.21 10.58
N GLY A 143 -1.32 -0.98 11.65
CA GLY A 143 -0.30 -0.65 12.62
C GLY A 143 1.04 -1.07 12.06
N THR A 144 2.06 -0.24 12.24
CA THR A 144 3.37 -0.55 11.70
C THR A 144 4.29 -1.17 12.76
N THR A 145 3.76 -1.36 13.96
CA THR A 145 4.43 -2.19 14.96
C THR A 145 3.44 -3.27 15.36
N GLN A 146 3.87 -4.16 16.25
CA GLN A 146 3.01 -5.27 16.64
C GLN A 146 1.94 -4.77 17.61
N ASN A 147 2.17 -3.60 18.19
CA ASN A 147 1.22 -3.02 19.12
C ASN A 147 1.00 -1.54 18.85
N TYR A 148 -0.20 -1.22 18.37
CA TYR A 148 -0.54 0.17 18.09
C TYR A 148 -0.91 0.90 19.36
N ASP A 149 -1.71 0.25 20.20
CA ASP A 149 -2.11 0.85 21.47
C ASP A 149 -0.92 1.47 22.18
N ALA A 150 0.20 0.76 22.19
CA ALA A 150 1.41 1.22 22.87
C ALA A 150 2.20 2.17 22.00
N ASP A 151 2.53 1.72 20.79
CA ASP A 151 3.41 2.48 19.90
C ASP A 151 2.72 3.64 19.21
N GLN A 152 1.51 3.41 18.71
CA GLN A 152 0.72 4.45 18.06
C GLN A 152 1.32 4.86 16.70
N LYS A 153 2.04 3.94 16.07
CA LYS A 153 2.61 4.19 14.75
C LYS A 153 1.77 3.50 13.71
N PHE A 154 1.29 4.28 12.74
CA PHE A 154 0.37 3.76 11.74
C PHE A 154 0.77 4.17 10.34
N GLY A 155 0.13 3.55 9.35
CA GLY A 155 0.26 3.94 7.96
C GLY A 155 -1.04 3.69 7.23
N PHE A 156 -1.15 4.20 6.01
CA PHE A 156 -2.35 3.97 5.22
C PHE A 156 -2.12 2.86 4.20
N CYS A 157 -3.00 1.86 4.24
CA CYS A 157 -2.90 0.73 3.32
C CYS A 157 -3.12 1.18 1.88
N PRO A 158 -2.46 0.50 0.94
CA PRO A 158 -2.57 0.76 -0.50
C PRO A 158 -3.99 0.58 -1.01
N MET A 159 -4.20 0.97 -2.26
CA MET A 159 -5.47 0.81 -2.92
C MET A 159 -5.19 0.27 -4.31
N ALA A 160 -6.08 -0.58 -4.82
CA ALA A 160 -5.91 -1.13 -6.15
C ALA A 160 -5.70 0.01 -7.13
N ALA A 161 -4.83 -0.21 -8.11
CA ALA A 161 -4.51 0.83 -9.09
C ALA A 161 -5.76 1.58 -9.53
N HIS A 162 -6.75 0.83 -10.02
CA HIS A 162 -7.96 1.45 -10.53
C HIS A 162 -8.73 2.24 -9.46
N GLU A 163 -8.46 1.94 -8.19
CA GLU A 163 -9.13 2.62 -7.08
C GLU A 163 -8.26 3.64 -6.37
N GLU A 164 -7.07 3.90 -6.90
CA GLU A 164 -6.17 4.87 -6.30
C GLU A 164 -6.84 6.21 -6.07
N ILE A 165 -6.20 7.07 -5.30
CA ILE A 165 -6.76 8.36 -4.95
C ILE A 165 -5.70 9.47 -4.95
N CYS A 166 -6.13 10.67 -5.31
CA CYS A 166 -5.32 11.87 -5.15
C CYS A 166 -6.10 12.86 -4.30
N THR A 167 -5.45 13.45 -3.30
CA THR A 167 -6.10 14.42 -2.44
C THR A 167 -5.64 15.85 -2.76
N THR A 168 -6.59 16.77 -2.82
CA THR A 168 -6.29 18.17 -3.07
C THR A 168 -5.58 18.77 -1.88
N ASN A 169 -4.93 19.90 -2.08
CA ASN A 169 -4.21 20.56 -0.99
C ASN A 169 -5.14 20.86 0.17
N GLU A 170 -6.38 21.21 -0.14
CA GLU A 170 -7.38 21.50 0.89
C GLU A 170 -7.96 20.22 1.50
N GLY A 171 -7.74 19.08 0.85
CA GLY A 171 -8.09 17.79 1.42
C GLY A 171 -9.05 16.91 0.64
N VAL A 172 -9.72 17.46 -0.37
CA VAL A 172 -10.69 16.71 -1.15
C VAL A 172 -10.05 15.52 -1.88
N MET A 173 -10.81 14.45 -2.07
CA MET A 173 -10.29 13.24 -2.70
C MET A 173 -10.75 13.07 -4.15
N TYR A 174 -9.81 12.80 -5.04
CA TYR A 174 -10.10 12.59 -6.44
C TYR A 174 -9.63 11.20 -6.85
N ARG A 175 -10.25 10.62 -7.86
CA ARG A 175 -9.84 9.32 -8.37
C ARG A 175 -8.99 9.46 -9.63
N ILE A 176 -8.44 8.35 -10.09
CA ILE A 176 -7.54 8.35 -11.24
C ILE A 176 -8.24 8.89 -12.47
N GLY A 177 -7.54 9.76 -13.21
CA GLY A 177 -8.08 10.33 -14.42
C GLY A 177 -8.88 11.59 -14.17
N ASP A 178 -9.33 11.78 -12.94
CA ASP A 178 -10.06 12.99 -12.59
C ASP A 178 -9.18 14.22 -12.76
N GLN A 179 -9.80 15.35 -13.10
CA GLN A 179 -9.06 16.58 -13.22
C GLN A 179 -9.49 17.62 -12.20
N TRP A 180 -8.52 18.22 -11.55
CA TRP A 180 -8.74 19.30 -10.60
C TRP A 180 -8.39 20.62 -11.28
N ASP A 181 -9.24 21.62 -11.13
CA ASP A 181 -9.04 22.89 -11.83
C ASP A 181 -9.13 24.08 -10.89
N LYS A 182 -8.18 25.00 -11.01
CA LYS A 182 -8.21 26.25 -10.26
C LYS A 182 -8.04 27.46 -11.19
N GLN A 183 -8.89 28.45 -10.99
CA GLN A 183 -8.89 29.64 -11.85
C GLN A 183 -8.62 30.89 -11.02
N HIS A 184 -7.59 31.63 -11.38
CA HIS A 184 -7.26 32.88 -10.70
C HIS A 184 -7.17 34.05 -11.69
N ASP A 185 -8.32 34.46 -12.21
CA ASP A 185 -8.42 35.63 -13.08
C ASP A 185 -7.95 35.34 -14.50
N MET A 186 -7.64 34.07 -14.78
CA MET A 186 -7.06 33.64 -16.06
C MET A 186 -5.61 34.10 -16.19
N GLY A 187 -5.24 35.14 -15.44
CA GLY A 187 -3.85 35.58 -15.38
C GLY A 187 -3.01 34.41 -14.94
N HIS A 188 -3.58 33.61 -14.03
CA HIS A 188 -2.97 32.36 -13.60
C HIS A 188 -4.03 31.27 -13.60
N MET A 189 -3.79 30.20 -14.35
CA MET A 189 -4.70 29.06 -14.36
C MET A 189 -3.93 27.75 -14.28
N MET A 190 -4.44 26.80 -13.52
CA MET A 190 -3.77 25.53 -13.32
C MET A 190 -4.74 24.36 -13.31
N ARG A 191 -4.47 23.37 -14.16
CA ARG A 191 -5.25 22.14 -14.16
C ARG A 191 -4.38 20.94 -13.78
N CYS A 192 -4.88 20.13 -12.86
CA CYS A 192 -4.13 18.97 -12.39
C CYS A 192 -4.86 17.68 -12.68
N THR A 193 -4.10 16.63 -12.99
CA THR A 193 -4.71 15.33 -13.25
C THR A 193 -4.27 14.31 -12.21
N CYS A 194 -5.21 13.53 -11.71
CA CYS A 194 -4.90 12.52 -10.72
C CYS A 194 -4.33 11.28 -11.37
N VAL A 195 -3.01 11.17 -11.36
CA VAL A 195 -2.36 9.99 -11.91
C VAL A 195 -2.19 8.91 -10.84
N GLY A 196 -1.88 9.34 -9.62
CA GLY A 196 -1.76 8.41 -8.51
C GLY A 196 -0.38 7.79 -8.38
N ASN A 197 -0.05 6.88 -9.28
CA ASN A 197 1.21 6.13 -9.23
C ASN A 197 1.52 5.59 -7.84
N GLY A 198 0.48 5.22 -7.11
CA GLY A 198 0.63 4.68 -5.78
C GLY A 198 0.86 5.77 -4.75
N ARG A 199 1.35 6.92 -5.19
CA ARG A 199 1.72 7.96 -4.24
C ARG A 199 0.74 9.13 -4.21
N GLY A 200 -0.46 8.92 -4.75
CA GLY A 200 -1.48 9.95 -4.79
C GLY A 200 -1.01 11.10 -5.67
N GLU A 201 -0.31 10.74 -6.72
CA GLU A 201 0.41 11.70 -7.56
C GLU A 201 -0.47 12.57 -8.47
N TRP A 202 -0.10 13.84 -8.56
CA TRP A 202 -0.71 14.78 -9.47
C TRP A 202 0.28 15.16 -10.57
N THR A 203 -0.21 15.33 -11.78
CA THR A 203 0.57 15.96 -12.85
C THR A 203 -0.21 17.17 -13.31
N CYS A 204 0.42 18.34 -13.31
CA CYS A 204 -0.31 19.58 -13.50
C CYS A 204 0.20 20.44 -14.65
N ILE A 205 -0.68 21.28 -15.18
CA ILE A 205 -0.33 22.25 -16.20
C ILE A 205 -0.74 23.64 -15.73
N ALA A 206 0.15 24.61 -15.86
CA ALA A 206 -0.13 25.96 -15.40
C ALA A 206 0.35 27.02 -16.39
N TYR A 207 -0.24 28.19 -16.31
CA TYR A 207 0.24 29.34 -17.06
C TYR A 207 0.56 30.46 -16.09
N SER A 208 1.40 31.40 -16.52
CA SER A 208 1.82 32.51 -15.68
C SER A 208 1.29 33.84 -16.20
N GLN A 209 1.68 34.94 -15.55
CA GLN A 209 1.20 36.27 -15.92
C GLN A 209 2.35 37.28 -15.90
#